data_2BRQ
#
_entry.id   2BRQ
#
_cell.length_a   41.970
_cell.length_b   60.000
_cell.length_c   51.570
_cell.angle_alpha   90.00
_cell.angle_beta   110.17
_cell.angle_gamma   90.00
#
_symmetry.space_group_name_H-M   'P 1 21 1'
#
loop_
_entity.id
_entity.type
_entity.pdbx_description
1 polymer 'FILAMIN A'
2 polymer 'INTEGRIN BETA-7 SUBUNIT'
3 non-polymer GLUTATHIONE
4 non-polymer GLYCEROL
5 water water
#
loop_
_entity_poly.entity_id
_entity_poly.type
_entity_poly.pdbx_seq_one_letter_code
_entity_poly.pdbx_strand_id
1 'polypeptide(L)'
;GAMGGAHKVRAGGPGLERAEAGVPAEFSIWTREAGAGGLAIAVEGPSKAEISFEDRKDGSCGVAYVVQEPGDYEVSVKFN
EEHIPDSPFVVPVASPS
;
A,B
2 'polypeptide(L)' LNWKQDSNPLYKSAITTTINPRFQEADSPTL C,D
#
# COMPACT_ATOMS: atom_id res chain seq x y z
N GLY A 4 -3.56 11.72 19.23
CA GLY A 4 -3.48 10.25 19.55
C GLY A 4 -4.83 9.55 19.61
N GLY A 5 -4.98 8.64 20.58
CA GLY A 5 -6.24 7.93 20.77
C GLY A 5 -6.26 6.49 20.29
N ALA A 6 -5.12 6.02 19.76
CA ALA A 6 -4.98 4.63 19.22
C ALA A 6 -5.21 3.57 20.28
N HIS A 7 -4.80 3.86 21.52
CA HIS A 7 -4.97 2.96 22.64
C HIS A 7 -6.46 2.70 23.02
N LYS A 8 -7.35 3.58 22.53
CA LYS A 8 -8.78 3.47 22.79
C LYS A 8 -9.51 2.66 21.71
N VAL A 9 -8.76 2.19 20.72
CA VAL A 9 -9.31 1.45 19.56
C VAL A 9 -9.02 -0.06 19.73
N ARG A 10 -10.01 -0.91 19.44
CA ARG A 10 -9.79 -2.36 19.47
C ARG A 10 -10.21 -2.95 18.13
N ALA A 11 -9.49 -3.97 17.67
CA ALA A 11 -9.82 -4.71 16.44
C ALA A 11 -9.85 -6.21 16.74
N GLY A 12 -10.81 -6.93 16.16
CA GLY A 12 -10.94 -8.37 16.39
C GLY A 12 -11.77 -8.97 15.26
N GLY A 13 -11.73 -10.28 15.10
CA GLY A 13 -12.52 -10.95 14.07
C GLY A 13 -11.71 -11.98 13.35
N PRO A 14 -12.38 -12.89 12.62
CA PRO A 14 -11.72 -13.98 11.89
C PRO A 14 -10.56 -13.57 10.96
N GLY A 15 -10.67 -12.43 10.27
CA GLY A 15 -9.65 -11.96 9.35
C GLY A 15 -8.35 -11.52 10.00
N LEU A 16 -8.35 -11.42 11.32
CA LEU A 16 -7.14 -11.11 12.07
C LEU A 16 -6.48 -12.36 12.63
N GLU A 17 -7.13 -13.51 12.42
CA GLU A 17 -6.64 -14.79 12.92
C GLU A 17 -6.13 -15.71 11.80
N ARG A 18 -6.90 -15.80 10.72
CA ARG A 18 -6.56 -16.66 9.56
C ARG A 18 -7.33 -16.23 8.33
N ALA A 19 -6.78 -16.53 7.15
CA ALA A 19 -7.47 -16.26 5.89
C ALA A 19 -7.14 -17.35 4.89
N GLU A 20 -7.85 -17.34 3.77
CA GLU A 20 -7.56 -18.21 2.67
C GLU A 20 -7.32 -17.33 1.46
N ALA A 21 -6.39 -17.74 0.60
CA ALA A 21 -6.04 -17.00 -0.58
C ALA A 21 -7.34 -16.84 -1.40
N GLY A 22 -7.66 -15.60 -1.74
CA GLY A 22 -8.78 -15.30 -2.66
C GLY A 22 -10.15 -15.24 -2.02
N VAL A 23 -10.22 -15.51 -0.72
CA VAL A 23 -11.45 -15.52 0.04
C VAL A 23 -11.45 -14.24 0.95
N PRO A 24 -12.52 -13.43 0.87
CA PRO A 24 -12.57 -12.23 1.73
C PRO A 24 -12.42 -12.57 3.20
N ALA A 25 -11.51 -11.87 3.86
CA ALA A 25 -11.25 -12.04 5.26
C ALA A 25 -11.76 -10.78 5.97
N GLU A 26 -12.54 -10.96 7.02
CA GLU A 26 -13.33 -9.89 7.64
C GLU A 26 -12.97 -9.68 9.10
N PHE A 27 -12.94 -8.42 9.53
CA PHE A 27 -12.79 -8.11 10.96
C PHE A 27 -13.49 -6.80 11.28
N SER A 28 -13.47 -6.42 12.55
CA SER A 28 -14.16 -5.24 12.99
C SER A 28 -13.23 -4.36 13.83
N ILE A 29 -13.51 -3.06 13.79
CA ILE A 29 -12.71 -2.11 14.53
C ILE A 29 -13.61 -1.26 15.38
N TRP A 30 -13.41 -1.32 16.70
CA TRP A 30 -14.14 -0.53 17.68
C TRP A 30 -13.56 0.89 17.74
N THR A 31 -14.32 1.85 17.22
CA THR A 31 -13.87 3.23 16.99
C THR A 31 -14.57 4.28 17.87
N ARG A 32 -15.68 3.89 18.50
CA ARG A 32 -16.57 4.76 19.28
C ARG A 32 -15.88 5.64 20.34
N GLU A 33 -14.78 5.14 20.91
CA GLU A 33 -14.09 5.78 22.05
C GLU A 33 -12.92 6.66 21.65
N ALA A 34 -12.52 6.56 20.39
CA ALA A 34 -11.25 7.08 19.94
C ALA A 34 -11.24 8.57 19.62
N GLY A 35 -12.42 9.16 19.49
CA GLY A 35 -12.53 10.54 18.98
C GLY A 35 -12.29 10.66 17.47
N ALA A 36 -11.85 11.85 17.06
CA ALA A 36 -11.58 12.18 15.68
C ALA A 36 -10.17 11.76 15.32
N GLY A 37 -9.99 11.25 14.11
CA GLY A 37 -8.67 10.86 13.64
C GLY A 37 -8.66 10.05 12.36
N GLY A 38 -7.46 9.74 11.87
CA GLY A 38 -7.27 8.97 10.64
C GLY A 38 -7.08 7.50 10.98
N LEU A 39 -7.98 6.66 10.46
CA LEU A 39 -7.93 5.25 10.72
C LEU A 39 -7.39 4.51 9.48
N ALA A 40 -6.19 3.94 9.59
CA ALA A 40 -5.47 3.39 8.44
C ALA A 40 -5.33 1.90 8.62
N ILE A 41 -5.71 1.14 7.59
CA ILE A 41 -5.57 -0.33 7.60
C ILE A 41 -4.59 -0.70 6.49
N ALA A 42 -3.66 -1.63 6.76
CA ALA A 42 -2.67 -1.99 5.77
C ALA A 42 -2.41 -3.49 5.80
N VAL A 43 -2.18 -4.09 4.63
CA VAL A 43 -1.90 -5.51 4.53
C VAL A 43 -0.59 -5.62 3.76
N GLU A 44 0.36 -6.36 4.33
CA GLU A 44 1.69 -6.50 3.73
C GLU A 44 2.02 -7.99 3.64
N GLY A 45 2.58 -8.40 2.51
CA GLY A 45 2.96 -9.79 2.32
C GLY A 45 3.28 -10.13 0.89
N PRO A 46 3.37 -11.45 0.59
CA PRO A 46 3.84 -11.94 -0.73
C PRO A 46 2.98 -11.58 -1.93
N SER A 47 1.76 -11.13 -1.73
CA SER A 47 0.92 -10.76 -2.86
C SER A 47 0.07 -9.55 -2.55
N LYS A 48 -0.45 -8.97 -3.63
CA LYS A 48 -1.31 -7.79 -3.57
C LYS A 48 -2.59 -8.05 -2.76
N ALA A 49 -3.06 -7.00 -2.06
CA ALA A 49 -4.26 -7.08 -1.26
C ALA A 49 -5.22 -5.99 -1.68
N GLU A 50 -6.49 -6.30 -1.62
CA GLU A 50 -7.56 -5.34 -1.82
C GLU A 50 -8.36 -5.19 -0.53
N ILE A 51 -8.53 -3.97 -0.07
CA ILE A 51 -9.10 -3.71 1.27
C ILE A 51 -10.30 -2.80 1.09
N SER A 52 -11.39 -3.11 1.76
CA SER A 52 -12.52 -2.14 1.80
C SER A 52 -13.07 -1.98 3.21
N PHE A 53 -13.70 -0.81 3.45
CA PHE A 53 -14.41 -0.53 4.70
C PHE A 53 -15.85 -0.95 4.51
N GLU A 54 -16.48 -1.46 5.58
CA GLU A 54 -17.87 -1.93 5.52
C GLU A 54 -18.66 -1.55 6.77
N ASP A 55 -19.98 -1.65 6.66
CA ASP A 55 -20.87 -1.41 7.78
C ASP A 55 -20.87 -2.63 8.68
N ARG A 56 -21.04 -2.37 9.97
CA ARG A 56 -21.36 -3.41 10.94
C ARG A 56 -22.61 -3.01 11.74
N LYS A 57 -23.46 -4.00 12.03
CA LYS A 57 -24.66 -3.77 12.86
C LYS A 57 -24.31 -3.16 14.23
N ASP A 58 -23.19 -3.59 14.82
CA ASP A 58 -22.80 -3.18 16.17
C ASP A 58 -22.22 -1.74 16.26
N GLY A 59 -22.10 -1.09 15.10
CA GLY A 59 -21.58 0.27 15.05
C GLY A 59 -20.07 0.34 14.97
N SER A 60 -19.40 -0.80 15.01
CA SER A 60 -17.98 -0.82 14.74
C SER A 60 -17.73 -0.55 13.25
N CYS A 61 -16.49 -0.27 12.92
CA CYS A 61 -16.07 -0.12 11.54
C CYS A 61 -15.65 -1.51 11.00
N GLY A 62 -16.34 -2.00 9.97
CA GLY A 62 -16.01 -3.29 9.35
C GLY A 62 -14.94 -3.16 8.28
N VAL A 63 -14.04 -4.15 8.24
CA VAL A 63 -13.00 -4.26 7.18
C VAL A 63 -13.08 -5.63 6.48
N ALA A 64 -12.99 -5.66 5.15
CA ALA A 64 -12.78 -6.92 4.43
C ALA A 64 -11.53 -6.75 3.58
N TYR A 65 -10.65 -7.77 3.55
CA TYR A 65 -9.54 -7.81 2.59
C TYR A 65 -9.43 -9.16 1.87
N VAL A 66 -8.85 -9.13 0.67
CA VAL A 66 -8.59 -10.36 -0.10
C VAL A 66 -7.14 -10.27 -0.56
N VAL A 67 -6.40 -11.37 -0.37
CA VAL A 67 -5.04 -11.51 -0.91
C VAL A 67 -4.98 -12.65 -1.93
N GLN A 68 -4.05 -12.58 -2.86
CA GLN A 68 -4.12 -13.50 -3.94
C GLN A 68 -3.36 -14.79 -3.69
N GLU A 69 -2.26 -14.71 -2.95
CA GLU A 69 -1.42 -15.90 -2.70
C GLU A 69 -1.39 -16.28 -1.21
N PRO A 70 -1.21 -17.59 -0.91
CA PRO A 70 -0.95 -18.01 0.48
C PRO A 70 0.38 -17.45 0.98
N GLY A 71 0.52 -17.40 2.29
CA GLY A 71 1.75 -16.94 2.93
C GLY A 71 1.42 -16.26 4.23
N ASP A 72 2.41 -15.63 4.85
CA ASP A 72 2.15 -14.90 6.07
C ASP A 72 2.10 -13.46 5.70
N TYR A 73 1.06 -12.78 6.21
CA TYR A 73 0.79 -11.40 5.93
C TYR A 73 0.75 -10.65 7.24
N GLU A 74 1.09 -9.36 7.20
CA GLU A 74 0.94 -8.53 8.40
C GLU A 74 -0.19 -7.55 8.14
N VAL A 75 -1.17 -7.52 9.05
CA VAL A 75 -2.33 -6.57 8.90
C VAL A 75 -2.13 -5.51 10.00
N SER A 76 -1.90 -4.27 9.61
CA SER A 76 -1.79 -3.23 10.62
C SER A 76 -3.04 -2.35 10.68
N VAL A 77 -3.31 -1.86 11.88
CA VAL A 77 -4.41 -0.94 12.10
C VAL A 77 -3.82 0.18 12.96
N LYS A 78 -3.80 1.38 12.39
CA LYS A 78 -3.27 2.54 13.04
C LYS A 78 -4.32 3.61 13.12
N PHE A 79 -4.24 4.42 14.18
CA PHE A 79 -5.12 5.55 14.36
C PHE A 79 -4.24 6.75 14.70
N ASN A 80 -4.33 7.79 13.87
CA ASN A 80 -3.41 8.91 13.95
C ASN A 80 -1.95 8.45 13.96
N GLU A 81 -1.71 7.46 13.10
CA GLU A 81 -0.38 6.98 12.72
C GLU A 81 0.30 6.19 13.83
N GLU A 82 -0.53 5.69 14.74
CA GLU A 82 -0.09 4.90 15.86
C GLU A 82 -0.79 3.58 15.82
N HIS A 83 -0.03 2.50 15.96
CA HIS A 83 -0.56 1.15 16.04
C HIS A 83 -1.56 1.06 17.20
N ILE A 84 -2.71 0.43 16.95
CA ILE A 84 -3.70 0.19 18.02
C ILE A 84 -3.16 -0.99 18.84
N PRO A 85 -3.76 -1.29 20.02
CA PRO A 85 -3.26 -2.47 20.73
C PRO A 85 -3.28 -3.74 19.89
N ASP A 86 -2.19 -4.50 19.96
CA ASP A 86 -2.00 -5.78 19.22
C ASP A 86 -1.70 -5.67 17.73
N SER A 87 -1.69 -4.45 17.20
CA SER A 87 -1.26 -4.26 15.83
C SER A 87 0.29 -4.08 15.79
N PRO A 88 0.97 -4.62 14.74
CA PRO A 88 0.36 -5.37 13.64
C PRO A 88 0.00 -6.80 14.02
N PHE A 89 -0.97 -7.37 13.29
CA PHE A 89 -1.44 -8.76 13.48
C PHE A 89 -0.76 -9.61 12.40
N VAL A 90 -0.17 -10.73 12.79
CA VAL A 90 0.38 -11.66 11.80
C VAL A 90 -0.72 -12.64 11.41
N VAL A 91 -1.05 -12.69 10.13
CA VAL A 91 -2.16 -13.53 9.71
C VAL A 91 -1.67 -14.57 8.73
N PRO A 92 -1.73 -15.85 9.10
CA PRO A 92 -1.40 -16.88 8.11
C PRO A 92 -2.52 -17.09 7.11
N VAL A 93 -2.16 -17.09 5.82
CA VAL A 93 -3.12 -17.23 4.76
C VAL A 93 -2.84 -18.55 4.03
N ALA A 94 -3.85 -19.43 3.98
CA ALA A 94 -3.69 -20.78 3.44
C ALA A 94 -4.20 -20.84 2.01
N SER A 95 -3.74 -21.86 1.28
CA SER A 95 -4.35 -22.20 0.01
C SER A 95 -5.82 -22.51 0.23
N PRO A 96 -6.66 -22.11 -0.75
CA PRO A 96 -8.10 -22.35 -0.59
C PRO A 96 -8.40 -23.86 -0.48
N SER A 97 -9.32 -24.18 0.42
CA SER A 97 -9.77 -25.54 0.62
C SER A 97 -10.82 -25.99 -0.40
N GLY B 4 24.05 7.76 1.65
CA GLY B 4 22.71 7.11 1.52
C GLY B 4 22.74 5.81 0.73
N GLY B 5 22.86 5.93 -0.61
CA GLY B 5 22.71 4.82 -1.58
C GLY B 5 21.48 5.09 -2.44
N ALA B 6 20.41 5.55 -1.79
CA ALA B 6 19.25 6.09 -2.49
C ALA B 6 19.64 7.35 -3.28
N HIS B 7 20.71 8.03 -2.87
CA HIS B 7 21.21 9.19 -3.63
C HIS B 7 21.89 8.87 -4.98
N LYS B 8 22.13 7.59 -5.24
CA LYS B 8 22.73 7.12 -6.50
C LYS B 8 21.67 6.55 -7.45
N VAL B 9 20.43 6.61 -7.03
CA VAL B 9 19.31 6.15 -7.85
C VAL B 9 18.65 7.35 -8.54
N ARG B 10 18.27 7.17 -9.82
CA ARG B 10 17.49 8.16 -10.59
C ARG B 10 16.26 7.54 -11.22
N ALA B 11 15.18 8.31 -11.29
CA ALA B 11 13.93 7.89 -11.94
C ALA B 11 13.33 9.01 -12.84
N GLY B 12 12.68 8.61 -13.94
CA GLY B 12 12.25 9.53 -14.99
C GLY B 12 11.33 8.85 -15.98
N GLY B 13 10.40 9.60 -16.54
CA GLY B 13 9.42 9.07 -17.49
C GLY B 13 8.09 9.78 -17.40
N PRO B 14 7.23 9.61 -18.43
CA PRO B 14 5.94 10.29 -18.48
C PRO B 14 5.10 10.14 -17.20
N GLY B 15 5.17 8.95 -16.58
CA GLY B 15 4.41 8.60 -15.41
C GLY B 15 4.82 9.29 -14.11
N LEU B 16 5.94 10.01 -14.13
CA LEU B 16 6.35 10.86 -13.03
C LEU B 16 6.00 12.31 -13.30
N GLU B 17 5.38 12.54 -14.46
CA GLU B 17 5.09 13.90 -14.89
C GLU B 17 3.58 14.13 -14.86
N ARG B 18 2.83 13.17 -15.40
CA ARG B 18 1.37 13.27 -15.45
C ARG B 18 0.83 11.93 -15.86
N ALA B 19 -0.45 11.66 -15.56
CA ALA B 19 -1.08 10.39 -15.92
C ALA B 19 -2.54 10.65 -16.21
N GLU B 20 -3.21 9.61 -16.69
CA GLU B 20 -4.66 9.57 -16.90
C GLU B 20 -5.26 8.37 -16.19
N ALA B 21 -6.42 8.55 -15.54
CA ALA B 21 -7.15 7.45 -14.90
C ALA B 21 -7.39 6.33 -15.93
N GLY B 22 -7.10 5.09 -15.53
CA GLY B 22 -7.29 3.92 -16.40
C GLY B 22 -6.18 3.63 -17.39
N VAL B 23 -5.24 4.57 -17.53
CA VAL B 23 -4.18 4.47 -18.55
C VAL B 23 -2.86 4.18 -17.86
N PRO B 24 -2.22 3.06 -18.23
CA PRO B 24 -0.89 2.74 -17.66
C PRO B 24 0.16 3.84 -17.82
N ALA B 25 0.71 4.26 -16.69
CA ALA B 25 1.67 5.37 -16.63
C ALA B 25 3.04 4.73 -16.38
N GLU B 26 4.03 5.12 -17.16
CA GLU B 26 5.30 4.40 -17.13
C GLU B 26 6.46 5.30 -16.80
N PHE B 27 7.41 4.74 -16.07
CA PHE B 27 8.71 5.35 -15.86
C PHE B 27 9.79 4.31 -15.65
N SER B 28 11.02 4.77 -15.56
CA SER B 28 12.19 3.92 -15.49
C SER B 28 13.03 4.34 -14.29
N ILE B 29 13.67 3.36 -13.64
CA ILE B 29 14.57 3.58 -12.52
C ILE B 29 15.95 3.04 -12.89
N TRP B 30 16.96 3.90 -12.76
CA TRP B 30 18.35 3.55 -13.01
C TRP B 30 18.92 3.11 -11.69
N THR B 31 19.19 1.82 -11.58
CA THR B 31 19.52 1.21 -10.30
C THR B 31 20.99 0.78 -10.26
N ARG B 32 21.61 0.79 -11.45
CA ARG B 32 22.97 0.28 -11.69
C ARG B 32 24.01 0.57 -10.63
N GLU B 33 23.88 1.68 -9.92
CA GLU B 33 24.96 2.08 -9.01
C GLU B 33 24.57 2.35 -7.54
N ALA B 34 23.37 1.94 -7.17
CA ALA B 34 22.95 1.92 -5.77
C ALA B 34 23.54 0.72 -5.01
N GLY B 35 23.99 -0.29 -5.75
CA GLY B 35 24.39 -1.56 -5.15
C GLY B 35 23.21 -2.36 -4.62
N ALA B 36 23.44 -3.12 -3.55
CA ALA B 36 22.46 -4.05 -3.01
C ALA B 36 21.45 -3.33 -2.13
N GLY B 37 20.21 -3.80 -2.14
CA GLY B 37 19.17 -3.19 -1.32
C GLY B 37 17.75 -3.40 -1.81
N GLY B 38 16.81 -2.86 -1.04
CA GLY B 38 15.39 -2.98 -1.34
C GLY B 38 14.90 -1.74 -2.05
N LEU B 39 14.40 -1.94 -3.27
CA LEU B 39 13.82 -0.86 -4.06
C LEU B 39 12.30 -0.90 -3.87
N ALA B 40 11.76 0.15 -3.25
CA ALA B 40 10.32 0.27 -3.00
C ALA B 40 9.69 1.40 -3.84
N ILE B 41 8.63 1.05 -4.58
CA ILE B 41 7.83 2.05 -5.31
C ILE B 41 6.46 2.06 -4.66
N ALA B 42 5.91 3.24 -4.38
CA ALA B 42 4.57 3.33 -3.79
C ALA B 42 3.76 4.39 -4.52
N VAL B 43 2.45 4.19 -4.60
CA VAL B 43 1.56 5.20 -5.17
C VAL B 43 0.48 5.51 -4.14
N GLU B 44 0.33 6.78 -3.82
CA GLU B 44 -0.59 7.20 -2.78
C GLU B 44 -1.50 8.28 -3.36
N GLY B 45 -2.80 8.12 -3.13
CA GLY B 45 -3.76 9.11 -3.61
C GLY B 45 -5.22 8.71 -3.44
N PRO B 46 -6.13 9.44 -4.13
CA PRO B 46 -7.59 9.29 -3.99
C PRO B 46 -8.20 7.99 -4.51
N SER B 47 -7.43 7.12 -5.14
CA SER B 47 -7.93 5.80 -5.52
C SER B 47 -6.81 4.74 -5.49
N LYS B 48 -7.21 3.48 -5.70
CA LYS B 48 -6.31 2.32 -5.68
C LYS B 48 -5.38 2.30 -6.90
N ALA B 49 -4.12 1.97 -6.66
CA ALA B 49 -3.14 1.88 -7.71
C ALA B 49 -2.75 0.44 -7.90
N GLU B 50 -2.58 0.04 -9.16
CA GLU B 50 -1.99 -1.23 -9.54
C GLU B 50 -0.61 -0.88 -10.07
N ILE B 51 0.40 -1.57 -9.56
CA ILE B 51 1.82 -1.30 -9.91
C ILE B 51 2.51 -2.58 -10.41
N SER B 52 3.35 -2.47 -11.43
CA SER B 52 4.20 -3.59 -11.85
C SER B 52 5.61 -3.17 -12.27
N PHE B 53 6.55 -4.13 -12.25
CA PHE B 53 7.95 -3.98 -12.71
C PHE B 53 8.07 -4.65 -14.06
N GLU B 54 8.98 -4.16 -14.90
CA GLU B 54 9.51 -4.87 -16.08
C GLU B 54 11.01 -4.67 -16.10
N ASP B 55 11.78 -5.72 -16.40
CA ASP B 55 13.18 -5.55 -16.79
C ASP B 55 13.18 -5.00 -18.21
N ARG B 56 13.58 -3.74 -18.34
CA ARG B 56 13.67 -3.08 -19.66
C ARG B 56 14.91 -3.51 -20.48
N LYS B 57 14.79 -3.47 -21.81
CA LYS B 57 15.89 -3.84 -22.72
C LYS B 57 17.13 -2.94 -22.55
N ASP B 58 16.91 -1.68 -22.15
CA ASP B 58 17.99 -0.72 -21.87
C ASP B 58 18.73 -0.95 -20.54
N GLY B 59 18.26 -1.89 -19.75
CA GLY B 59 18.90 -2.25 -18.49
C GLY B 59 18.39 -1.56 -17.25
N SER B 60 17.47 -0.60 -17.42
CA SER B 60 16.85 0.06 -16.27
C SER B 60 15.71 -0.80 -15.74
N CYS B 61 15.24 -0.46 -14.55
CA CYS B 61 14.02 -1.05 -14.02
C CYS B 61 12.76 -0.27 -14.43
N GLY B 62 11.94 -0.89 -15.26
CA GLY B 62 10.68 -0.32 -15.71
C GLY B 62 9.61 -0.45 -14.66
N VAL B 63 8.73 0.54 -14.63
CA VAL B 63 7.61 0.57 -13.70
C VAL B 63 6.41 1.01 -14.51
N ALA B 64 5.29 0.32 -14.35
CA ALA B 64 4.00 0.77 -14.89
C ALA B 64 3.00 0.83 -13.74
N TYR B 65 2.19 1.87 -13.66
CA TYR B 65 1.09 1.89 -12.70
C TYR B 65 -0.20 2.39 -13.35
N VAL B 66 -1.34 1.98 -12.79
CA VAL B 66 -2.65 2.45 -13.22
C VAL B 66 -3.42 2.84 -11.95
N VAL B 67 -4.11 3.99 -12.01
CA VAL B 67 -5.00 4.46 -10.92
C VAL B 67 -6.42 4.71 -11.46
N GLN B 68 -7.39 4.77 -10.58
CA GLN B 68 -8.79 4.69 -10.99
C GLN B 68 -9.43 6.02 -11.28
N GLU B 69 -8.97 7.05 -10.56
CA GLU B 69 -9.64 8.36 -10.47
C GLU B 69 -8.67 9.48 -10.71
N PRO B 70 -9.16 10.59 -11.28
CA PRO B 70 -8.36 11.81 -11.38
C PRO B 70 -8.01 12.40 -9.99
N GLY B 71 -7.03 13.30 -9.95
CA GLY B 71 -6.54 13.85 -8.69
C GLY B 71 -5.02 13.85 -8.65
N ASP B 72 -4.45 14.28 -7.53
CA ASP B 72 -2.99 14.26 -7.35
C ASP B 72 -2.53 13.03 -6.58
N TYR B 73 -1.43 12.44 -7.03
CA TYR B 73 -0.95 11.18 -6.44
C TYR B 73 0.49 11.42 -6.08
N GLU B 74 0.95 10.77 -5.03
CA GLU B 74 2.37 10.80 -4.74
C GLU B 74 2.98 9.48 -5.10
N VAL B 75 3.95 9.52 -6.03
CA VAL B 75 4.71 8.34 -6.46
C VAL B 75 6.07 8.41 -5.75
N SER B 76 6.29 7.45 -4.85
CA SER B 76 7.49 7.33 -4.02
C SER B 76 8.40 6.33 -4.67
N VAL B 77 9.68 6.65 -4.72
CA VAL B 77 10.72 5.68 -5.05
C VAL B 77 11.77 5.75 -3.94
N LYS B 78 11.86 4.68 -3.13
CA LYS B 78 12.76 4.65 -2.00
C LYS B 78 13.79 3.53 -2.17
N PHE B 79 15.00 3.75 -1.69
CA PHE B 79 16.01 2.70 -1.72
C PHE B 79 16.49 2.48 -0.31
N ASN B 80 16.24 1.27 0.19
CA ASN B 80 16.54 0.97 1.59
C ASN B 80 15.84 1.98 2.50
N GLU B 81 14.54 2.17 2.27
CA GLU B 81 13.68 3.05 3.10
C GLU B 81 14.05 4.54 3.02
N GLU B 82 14.83 4.92 2.01
CA GLU B 82 15.18 6.33 1.78
C GLU B 82 14.71 6.80 0.41
N HIS B 83 14.09 7.97 0.34
CA HIS B 83 13.63 8.56 -0.91
C HIS B 83 14.82 8.89 -1.78
N ILE B 84 14.79 8.45 -3.03
CA ILE B 84 15.81 8.83 -4.04
C ILE B 84 15.63 10.33 -4.34
N PRO B 85 16.61 10.97 -5.03
CA PRO B 85 16.42 12.38 -5.39
C PRO B 85 15.13 12.63 -6.17
N ASP B 86 14.39 13.65 -5.73
CA ASP B 86 13.07 14.12 -6.24
C ASP B 86 11.85 13.29 -5.85
N SER B 87 12.03 12.29 -5.01
CA SER B 87 10.90 11.52 -4.48
C SER B 87 10.43 12.13 -3.13
N PRO B 88 9.10 12.23 -2.89
CA PRO B 88 8.01 11.78 -3.77
C PRO B 88 7.71 12.69 -4.98
N PHE B 89 7.35 12.05 -6.09
CA PHE B 89 6.92 12.75 -7.28
C PHE B 89 5.42 12.99 -7.14
N VAL B 90 5.00 14.26 -7.21
CA VAL B 90 3.58 14.62 -7.21
C VAL B 90 3.09 14.56 -8.67
N VAL B 91 2.15 13.68 -8.95
CA VAL B 91 1.70 13.45 -10.32
C VAL B 91 0.23 13.84 -10.42
N PRO B 92 -0.08 14.85 -11.26
CA PRO B 92 -1.46 15.19 -11.55
C PRO B 92 -2.05 14.16 -12.50
N VAL B 93 -3.24 13.69 -12.18
CA VAL B 93 -3.88 12.64 -12.98
C VAL B 93 -5.19 13.20 -13.48
N ALA B 94 -5.33 13.23 -14.81
CA ALA B 94 -6.55 13.71 -15.45
C ALA B 94 -7.49 12.53 -15.70
N SER B 95 -8.77 12.80 -15.87
CA SER B 95 -9.67 11.79 -16.40
C SER B 95 -9.41 11.72 -17.89
N PRO B 96 -9.59 10.52 -18.50
CA PRO B 96 -9.54 10.53 -19.98
C PRO B 96 -10.68 11.33 -20.61
N SER B 97 -10.45 12.01 -21.61
N PRO C 9 8.32 -10.39 -4.99
CA PRO C 9 8.27 -9.06 -4.37
C PRO C 9 7.54 -9.03 -3.04
N LEU C 10 7.75 -7.95 -2.28
CA LEU C 10 6.96 -7.68 -1.10
C LEU C 10 5.91 -6.57 -1.36
N TYR C 11 4.64 -6.86 -1.07
CA TYR C 11 3.52 -6.00 -1.44
C TYR C 11 2.87 -5.36 -0.23
N LYS C 12 2.57 -4.09 -0.31
CA LYS C 12 1.77 -3.48 0.75
C LYS C 12 0.60 -2.73 0.14
N SER C 13 -0.60 -2.88 0.72
CA SER C 13 -1.77 -2.07 0.39
C SER C 13 -2.34 -1.49 1.65
N ALA C 14 -2.81 -0.24 1.57
CA ALA C 14 -3.34 0.50 2.70
C ALA C 14 -4.54 1.31 2.24
N ILE C 15 -5.49 1.48 3.16
CA ILE C 15 -6.60 2.39 2.94
C ILE C 15 -6.74 3.19 4.26
N THR C 16 -6.99 4.50 4.16
CA THR C 16 -7.12 5.35 5.33
C THR C 16 -8.38 6.21 5.24
N THR C 17 -9.21 6.14 6.29
CA THR C 17 -10.41 6.97 6.35
C THR C 17 -10.39 7.90 7.58
N THR C 18 -11.18 8.97 7.55
CA THR C 18 -11.38 9.84 8.69
C THR C 18 -12.58 9.40 9.54
N ILE C 19 -12.35 9.26 10.85
CA ILE C 19 -13.43 9.06 11.82
C ILE C 19 -13.78 10.40 12.47
N ASN C 20 -15.08 10.74 12.46
CA ASN C 20 -15.66 11.94 13.08
C ASN C 20 -16.80 11.61 14.06
N PRO C 21 -16.64 11.93 15.35
CA PRO C 21 -17.71 11.61 16.32
C PRO C 21 -19.03 12.34 16.01
N ARG C 22 -20.12 11.75 16.15
N PRO D 9 -11.59 8.25 1.06
CA PRO D 9 -10.42 7.46 1.55
C PRO D 9 -9.11 7.79 0.84
N LEU D 10 -8.00 7.59 1.53
CA LEU D 10 -6.68 7.67 0.90
C LEU D 10 -6.15 6.24 0.73
N TYR D 11 -5.65 5.95 -0.46
CA TYR D 11 -5.20 4.62 -0.82
C TYR D 11 -3.69 4.66 -0.99
N LYS D 12 -3.01 3.60 -0.60
CA LYS D 12 -1.59 3.45 -0.91
C LYS D 12 -1.34 2.02 -1.41
N SER D 13 -0.58 1.89 -2.51
CA SER D 13 -0.10 0.60 -2.97
C SER D 13 1.41 0.71 -3.03
N ALA D 14 2.10 -0.35 -2.65
CA ALA D 14 3.58 -0.37 -2.70
C ALA D 14 4.07 -1.75 -3.11
N ILE D 15 5.21 -1.75 -3.78
CA ILE D 15 5.83 -2.98 -4.21
C ILE D 15 7.32 -2.79 -3.97
N THR D 16 7.90 -3.76 -3.27
CA THR D 16 9.33 -3.75 -2.99
C THR D 16 10.01 -4.98 -3.62
N THR D 17 11.03 -4.74 -4.44
CA THR D 17 11.86 -5.83 -4.94
C THR D 17 13.30 -5.71 -4.40
N THR D 18 13.97 -6.85 -4.21
CA THR D 18 15.36 -6.83 -3.76
C THR D 18 16.30 -6.71 -4.95
N ILE D 19 17.10 -5.64 -4.95
CA ILE D 19 18.12 -5.50 -5.99
C ILE D 19 19.40 -6.18 -5.53
N ASN D 20 19.91 -7.06 -6.37
CA ASN D 20 21.14 -7.81 -6.08
C ASN D 20 22.09 -7.86 -7.27
N PRO D 21 23.19 -7.08 -7.21
CA PRO D 21 24.34 -7.43 -8.07
C PRO D 21 25.03 -8.68 -7.50
N ARG D 22 25.78 -9.42 -8.16
#